data_5FB7
#
_entry.id   5FB7
#
_cell.length_a   59.239
_cell.length_b   98.495
_cell.length_c   100.120
_cell.angle_alpha   90.000
_cell.angle_beta   90.010
_cell.angle_gamma   90.000
#
_symmetry.space_group_name_H-M   'C 1 2 1'
#
loop_
_entity.id
_entity.type
_entity.pdbx_description
1 polymer 'Envelope glycoprotein'
2 non-polymer 'ARACHIDONIC ACID'
3 water water
#
_entity_poly.entity_id   1
_entity_poly.type   'polypeptide(L)'
_entity_poly.pdbx_seq_one_letter_code
;KVKRDISAFQKVIQDISLAVNKFNVDIERYVGGDASHLLADGNVLIKATLDGVQSLQNEPPLSSMEALALVGPVQDLSNQ
ILLAIQNLIDKKEPLVQAGFGGKVENNLRQQEEAAQKLSELVSTKVPHELADISRQLSDGIAAGIKKGIDAFAGT
;
_entity_poly.pdbx_strand_id   A,B,C,D
#
# COMPACT_ATOMS: atom_id res chain seq x y z
N ASP A 5 -11.02 -8.31 -36.09
CA ASP A 5 -11.80 -7.17 -35.51
C ASP A 5 -11.23 -6.77 -34.14
N ILE A 6 -10.74 -5.53 -34.04
CA ILE A 6 -10.15 -5.00 -32.78
C ILE A 6 -10.96 -3.89 -32.11
N SER A 7 -12.24 -3.84 -32.42
CA SER A 7 -13.09 -2.82 -31.83
C SER A 7 -13.11 -2.90 -30.30
N ALA A 8 -12.88 -4.08 -29.74
CA ALA A 8 -12.88 -4.20 -28.29
C ALA A 8 -11.79 -3.34 -27.73
N PHE A 9 -10.62 -3.29 -28.41
CA PHE A 9 -9.47 -2.51 -27.90
C PHE A 9 -9.74 -1.02 -28.04
N GLN A 10 -10.27 -0.62 -29.18
CA GLN A 10 -10.61 0.77 -29.44
C GLN A 10 -11.68 1.30 -28.50
N LYS A 11 -12.65 0.45 -28.14
CA LYS A 11 -13.67 0.85 -27.16
C LYS A 11 -13.08 1.08 -25.78
N VAL A 12 -12.14 0.24 -25.38
CA VAL A 12 -11.52 0.41 -24.06
C VAL A 12 -10.75 1.71 -24.03
N ILE A 13 -9.97 1.97 -25.08
CA ILE A 13 -9.20 3.17 -25.14
C ILE A 13 -10.08 4.40 -25.11
N GLN A 14 -11.17 4.38 -25.88
CA GLN A 14 -12.08 5.52 -25.91
C GLN A 14 -12.77 5.72 -24.55
N ASP A 15 -13.21 4.64 -23.93
CA ASP A 15 -13.90 4.76 -22.65
C ASP A 15 -13.00 5.32 -21.55
N ILE A 16 -11.74 4.90 -21.54
CA ILE A 16 -10.79 5.41 -20.57
C ILE A 16 -10.45 6.89 -20.91
N SER A 17 -10.35 7.18 -22.20
CA SER A 17 -10.12 8.56 -22.68
CA SER A 17 -10.09 8.56 -22.63
C SER A 17 -11.22 9.51 -22.26
N LEU A 18 -12.46 9.08 -22.44
CA LEU A 18 -13.63 9.85 -21.97
C LEU A 18 -13.46 10.20 -20.53
N ALA A 19 -13.17 9.18 -19.71
CA ALA A 19 -13.13 9.40 -18.31
C ALA A 19 -11.96 10.28 -17.89
N VAL A 20 -10.77 10.04 -18.45
CA VAL A 20 -9.57 10.86 -18.16
CA VAL A 20 -9.59 10.85 -18.11
C VAL A 20 -9.81 12.34 -18.53
N ASN A 21 -10.39 12.55 -19.68
CA ASN A 21 -10.56 13.93 -20.12
C ASN A 21 -11.61 14.67 -19.32
N LYS A 22 -12.67 13.97 -18.91
CA LYS A 22 -13.66 14.60 -18.05
C LYS A 22 -13.01 15.02 -16.73
N PHE A 23 -12.21 14.12 -16.14
CA PHE A 23 -11.49 14.48 -14.96
C PHE A 23 -10.60 15.70 -15.17
N ASN A 24 -9.85 15.72 -16.27
CA ASN A 24 -8.97 16.89 -16.57
C ASN A 24 -9.80 18.21 -16.69
N VAL A 25 -10.96 18.13 -17.31
CA VAL A 25 -11.82 19.31 -17.39
C VAL A 25 -12.16 19.85 -16.03
N ASP A 26 -12.55 18.95 -15.14
CA ASP A 26 -12.99 19.35 -13.80
C ASP A 26 -11.86 19.76 -12.88
N ILE A 27 -10.74 19.08 -12.94
CA ILE A 27 -9.61 19.39 -12.00
C ILE A 27 -8.92 20.69 -12.40
N GLU A 28 -8.91 21.03 -13.71
CA GLU A 28 -8.29 22.27 -14.14
C GLU A 28 -9.10 23.46 -13.75
N ARG A 29 -10.40 23.33 -13.65
CA ARG A 29 -11.20 24.46 -13.23
C ARG A 29 -11.54 24.50 -11.75
N TYR A 30 -11.16 23.44 -11.04
CA TYR A 30 -11.33 23.41 -9.57
C TYR A 30 -10.35 24.37 -8.91
N VAL A 31 -10.86 25.22 -8.03
CA VAL A 31 -10.01 26.18 -7.30
C VAL A 31 -10.18 26.00 -5.79
N GLY A 32 -10.99 25.04 -5.38
CA GLY A 32 -11.39 24.92 -3.93
C GLY A 32 -12.86 24.58 -3.75
N GLY A 33 -13.17 24.13 -2.54
CA GLY A 33 -14.48 23.75 -2.19
C GLY A 33 -14.71 22.26 -2.33
N ASP A 34 -15.98 21.88 -2.28
CA ASP A 34 -16.33 20.51 -2.33
C ASP A 34 -15.76 19.80 -3.56
N ALA A 35 -15.17 18.62 -3.33
CA ALA A 35 -14.49 17.87 -4.40
C ALA A 35 -15.18 16.54 -4.70
N SER A 36 -16.44 16.38 -4.26
CA SER A 36 -17.16 15.13 -4.50
C SER A 36 -17.27 14.78 -5.97
N HIS A 37 -17.38 15.79 -6.82
CA HIS A 37 -17.46 15.56 -8.25
C HIS A 37 -16.16 15.02 -8.84
N LEU A 38 -15.06 15.43 -8.24
CA LEU A 38 -13.74 14.94 -8.62
C LEU A 38 -13.52 13.48 -8.25
N LEU A 39 -13.96 13.11 -7.08
CA LEU A 39 -13.96 11.71 -6.69
C LEU A 39 -14.87 10.83 -7.57
N ALA A 40 -16.03 11.39 -7.94
CA ALA A 40 -16.93 10.69 -8.84
C ALA A 40 -16.23 10.47 -10.19
N ASP A 41 -15.53 11.52 -10.69
CA ASP A 41 -14.82 11.40 -11.96
C ASP A 41 -13.76 10.28 -11.84
N GLY A 42 -13.07 10.24 -10.69
CA GLY A 42 -12.08 9.17 -10.47
C GLY A 42 -12.74 7.79 -10.41
N ASN A 43 -13.92 7.72 -9.81
CA ASN A 43 -14.69 6.44 -9.79
C ASN A 43 -15.01 5.97 -11.19
N VAL A 44 -15.46 6.91 -12.06
CA VAL A 44 -15.77 6.50 -13.41
C VAL A 44 -14.54 5.96 -14.12
N LEU A 45 -13.42 6.59 -13.87
CA LEU A 45 -12.17 6.16 -14.42
C LEU A 45 -11.72 4.77 -13.96
N ILE A 46 -11.86 4.50 -12.66
CA ILE A 46 -11.60 3.12 -12.18
C ILE A 46 -12.55 2.13 -12.85
N LYS A 47 -13.84 2.46 -12.96
CA LYS A 47 -14.78 1.54 -13.58
CA LYS A 47 -14.81 1.54 -13.61
C LYS A 47 -14.41 1.28 -15.04
N ALA A 48 -13.99 2.32 -15.76
CA ALA A 48 -13.56 2.16 -17.15
C ALA A 48 -12.36 1.24 -17.25
N THR A 49 -11.44 1.37 -16.30
CA THR A 49 -10.24 0.59 -16.25
C THR A 49 -10.58 -0.89 -16.01
N LEU A 50 -11.46 -1.15 -15.03
CA LEU A 50 -11.86 -2.50 -14.77
C LEU A 50 -12.64 -3.07 -15.90
N ASP A 51 -13.52 -2.26 -16.49
CA ASP A 51 -14.30 -2.71 -17.70
C ASP A 51 -13.31 -3.15 -18.80
N GLY A 52 -12.21 -2.42 -18.94
CA GLY A 52 -11.14 -2.82 -19.87
C GLY A 52 -10.51 -4.17 -19.58
N VAL A 53 -10.23 -4.47 -18.33
CA VAL A 53 -9.67 -5.75 -17.95
C VAL A 53 -10.68 -6.87 -18.29
N GLN A 54 -11.93 -6.66 -17.96
CA GLN A 54 -12.91 -7.69 -18.14
C GLN A 54 -13.16 -7.94 -19.61
N SER A 55 -13.12 -6.86 -20.39
CA SER A 55 -13.35 -6.90 -21.84
C SER A 55 -12.24 -7.56 -22.62
N LEU A 56 -10.99 -7.29 -22.24
CA LEU A 56 -9.86 -7.69 -23.06
C LEU A 56 -9.20 -8.99 -22.61
N GLN A 57 -9.62 -9.49 -21.45
CA GLN A 57 -8.98 -10.64 -20.83
C GLN A 57 -8.78 -11.81 -21.80
N ASN A 58 -9.87 -12.16 -22.51
CA ASN A 58 -9.86 -13.31 -23.37
C ASN A 58 -9.63 -13.01 -24.84
N GLU A 59 -9.33 -11.75 -25.17
CA GLU A 59 -8.89 -11.44 -26.52
C GLU A 59 -7.58 -12.09 -26.84
N PRO A 60 -7.44 -12.59 -28.06
CA PRO A 60 -6.12 -13.05 -28.41
C PRO A 60 -5.11 -11.91 -28.60
N PRO A 61 -3.83 -12.21 -28.54
CA PRO A 61 -2.81 -11.18 -28.78
C PRO A 61 -2.97 -10.45 -30.11
N LEU A 62 -2.56 -9.18 -30.12
CA LEU A 62 -2.55 -8.34 -31.30
C LEU A 62 -1.42 -8.70 -32.27
N SER A 63 -1.75 -8.76 -33.57
CA SER A 63 -0.72 -8.80 -34.61
C SER A 63 0.04 -7.47 -34.66
N SER A 64 1.19 -7.45 -35.34
CA SER A 64 1.97 -6.21 -35.45
C SER A 64 1.13 -5.13 -36.15
N MET A 65 0.33 -5.53 -37.15
CA MET A 65 -0.55 -4.61 -37.88
C MET A 65 -1.67 -4.06 -36.99
N GLU A 66 -2.27 -4.94 -36.19
CA GLU A 66 -3.36 -4.54 -35.31
C GLU A 66 -2.86 -3.61 -34.23
N ALA A 67 -1.71 -3.93 -33.66
CA ALA A 67 -1.14 -3.09 -32.61
C ALA A 67 -0.69 -1.76 -33.16
N LEU A 68 -0.18 -1.76 -34.38
CA LEU A 68 0.33 -0.51 -34.94
C LEU A 68 -0.81 0.49 -35.11
N ALA A 69 -1.99 -0.05 -35.44
CA ALA A 69 -3.18 0.79 -35.60
C ALA A 69 -3.66 1.44 -34.29
N LEU A 70 -3.17 0.93 -33.16
CA LEU A 70 -3.55 1.47 -31.85
C LEU A 70 -2.52 2.44 -31.26
N VAL A 71 -1.40 2.64 -31.94
CA VAL A 71 -0.29 3.39 -31.37
C VAL A 71 -0.65 4.87 -31.12
N GLY A 72 -1.35 5.48 -32.09
CA GLY A 72 -1.71 6.90 -31.95
C GLY A 72 -2.62 7.17 -30.75
N PRO A 73 -3.79 6.49 -30.73
CA PRO A 73 -4.73 6.64 -29.64
C PRO A 73 -4.09 6.34 -28.28
N VAL A 74 -3.27 5.29 -28.21
CA VAL A 74 -2.59 4.94 -26.94
C VAL A 74 -1.62 6.00 -26.47
N GLN A 75 -0.80 6.51 -27.39
CA GLN A 75 0.10 7.53 -26.96
C GLN A 75 -0.57 8.82 -26.50
N ASP A 76 -1.65 9.21 -27.18
CA ASP A 76 -2.43 10.34 -26.72
C ASP A 76 -3.00 10.09 -25.32
N LEU A 77 -3.63 8.91 -25.12
CA LEU A 77 -4.17 8.55 -23.82
C LEU A 77 -3.09 8.61 -22.71
N SER A 78 -1.89 8.10 -23.01
CA SER A 78 -0.77 8.16 -22.04
C SER A 78 -0.54 9.58 -21.61
N ASN A 79 -0.43 10.47 -22.61
CA ASN A 79 -0.18 11.89 -22.32
C ASN A 79 -1.30 12.52 -21.47
N GLN A 80 -2.54 12.11 -21.73
CA GLN A 80 -3.69 12.68 -21.02
C GLN A 80 -3.72 12.20 -19.55
N ILE A 81 -3.30 10.95 -19.34
CA ILE A 81 -3.21 10.37 -17.97
C ILE A 81 -2.10 11.03 -17.16
N LEU A 82 -0.96 11.24 -17.81
CA LEU A 82 0.12 11.93 -17.16
C LEU A 82 -0.25 13.37 -16.78
N LEU A 83 -1.00 14.02 -17.68
CA LEU A 83 -1.56 15.32 -17.34
C LEU A 83 -2.55 15.32 -16.20
N ALA A 84 -3.39 14.31 -16.12
CA ALA A 84 -4.32 14.20 -15.03
C ALA A 84 -3.63 14.04 -13.67
N ILE A 85 -2.61 13.24 -13.65
CA ILE A 85 -1.88 13.02 -12.42
C ILE A 85 -1.19 14.32 -11.93
N GLN A 86 -0.55 15.04 -12.85
CA GLN A 86 0.07 16.28 -12.51
C GLN A 86 -0.92 17.35 -12.10
N ASN A 87 -2.06 17.43 -12.81
CA ASN A 87 -3.12 18.39 -12.46
C ASN A 87 -3.64 18.15 -11.04
N LEU A 88 -3.80 16.85 -10.68
CA LEU A 88 -4.27 16.48 -9.35
C LEU A 88 -3.27 16.91 -8.25
N ILE A 89 -2.00 16.63 -8.49
CA ILE A 89 -0.98 17.03 -7.55
C ILE A 89 -0.92 18.56 -7.42
N ASP A 90 -1.12 19.26 -8.55
CA ASP A 90 -1.10 20.68 -8.51
C ASP A 90 -2.20 21.26 -7.63
N LYS A 91 -3.28 20.51 -7.42
CA LYS A 91 -4.43 21.00 -6.65
C LYS A 91 -4.47 20.38 -5.23
N LYS A 92 -3.33 19.89 -4.75
CA LYS A 92 -3.26 19.35 -3.40
C LYS A 92 -3.78 20.32 -2.36
N GLU A 93 -3.34 21.58 -2.42
CA GLU A 93 -3.72 22.52 -1.35
C GLU A 93 -5.24 22.67 -1.20
N PRO A 94 -5.95 23.03 -2.30
CA PRO A 94 -7.38 23.18 -2.09
C PRO A 94 -8.07 21.84 -1.69
N LEU A 95 -7.58 20.71 -2.23
CA LEU A 95 -8.20 19.44 -1.92
C LEU A 95 -8.02 19.11 -0.46
N VAL A 96 -6.84 19.37 0.05
CA VAL A 96 -6.57 19.10 1.50
C VAL A 96 -7.35 20.07 2.37
N GLN A 97 -7.44 21.33 1.97
CA GLN A 97 -8.24 22.29 2.75
C GLN A 97 -9.71 21.90 2.84
N ALA A 98 -10.20 21.24 1.80
CA ALA A 98 -11.60 20.93 1.72
C ALA A 98 -11.92 19.65 2.52
N GLY A 99 -10.87 18.99 2.98
CA GLY A 99 -11.00 17.75 3.75
C GLY A 99 -11.04 16.52 2.90
N PHE A 100 -10.48 16.59 1.70
CA PHE A 100 -10.57 15.49 0.72
C PHE A 100 -9.25 14.74 0.49
N GLY A 101 -8.21 15.06 1.25
CA GLY A 101 -6.89 14.47 1.01
C GLY A 101 -6.86 12.94 1.20
N GLY A 102 -7.47 12.46 2.29
CA GLY A 102 -7.56 11.04 2.51
C GLY A 102 -8.43 10.29 1.49
N LYS A 103 -9.53 10.92 1.07
CA LYS A 103 -10.36 10.36 0.04
C LYS A 103 -9.62 10.24 -1.29
N VAL A 104 -8.85 11.26 -1.63
CA VAL A 104 -8.06 11.25 -2.88
C VAL A 104 -6.98 10.18 -2.79
N GLU A 105 -6.33 10.09 -1.63
CA GLU A 105 -5.33 9.03 -1.39
C GLU A 105 -5.91 7.65 -1.58
N ASN A 106 -7.09 7.44 -1.03
CA ASN A 106 -7.76 6.14 -1.18
C ASN A 106 -8.23 5.83 -2.61
N ASN A 107 -8.75 6.85 -3.32
CA ASN A 107 -9.10 6.64 -4.65
C ASN A 107 -7.85 6.31 -5.53
N LEU A 108 -6.78 7.04 -5.32
CA LEU A 108 -5.53 6.75 -6.06
C LEU A 108 -4.97 5.33 -5.82
N ARG A 109 -5.10 4.80 -4.59
CA ARG A 109 -4.72 3.45 -4.36
CA ARG A 109 -4.72 3.45 -4.35
C ARG A 109 -5.56 2.45 -5.17
N GLN A 110 -6.86 2.75 -5.34
CA GLN A 110 -7.69 1.91 -6.17
C GLN A 110 -7.34 2.09 -7.64
N GLN A 111 -7.02 3.31 -8.05
CA GLN A 111 -6.58 3.57 -9.45
CA GLN A 111 -6.60 3.51 -9.47
C GLN A 111 -5.33 2.73 -9.75
N GLU A 112 -4.43 2.71 -8.77
CA GLU A 112 -3.13 2.00 -8.92
C GLU A 112 -3.34 0.50 -9.12
N GLU A 113 -4.24 -0.07 -8.34
CA GLU A 113 -4.50 -1.47 -8.44
C GLU A 113 -5.19 -1.83 -9.76
N ALA A 114 -6.18 -1.00 -10.14
CA ALA A 114 -6.91 -1.27 -11.39
C ALA A 114 -5.98 -1.13 -12.59
N ALA A 115 -5.16 -0.07 -12.58
CA ALA A 115 -4.22 0.19 -13.68
C ALA A 115 -3.23 -0.95 -13.78
N GLN A 116 -2.79 -1.50 -12.65
CA GLN A 116 -1.76 -2.57 -12.68
C GLN A 116 -2.34 -3.83 -13.32
N LYS A 117 -3.63 -4.09 -13.05
CA LYS A 117 -4.29 -5.24 -13.67
C LYS A 117 -4.36 -5.04 -15.18
N LEU A 118 -4.76 -3.85 -15.58
CA LEU A 118 -4.92 -3.63 -17.00
C LEU A 118 -3.54 -3.63 -17.71
N SER A 119 -2.51 -3.08 -17.06
CA SER A 119 -1.18 -3.04 -17.68
CA SER A 119 -1.19 -3.03 -17.67
C SER A 119 -0.65 -4.43 -17.89
N GLU A 120 -0.84 -5.27 -16.89
CA GLU A 120 -0.33 -6.66 -16.96
C GLU A 120 -1.03 -7.41 -18.09
N LEU A 121 -2.33 -7.18 -18.22
CA LEU A 121 -3.09 -7.78 -19.31
C LEU A 121 -2.61 -7.26 -20.67
N VAL A 122 -2.46 -5.95 -20.79
CA VAL A 122 -1.96 -5.35 -22.05
C VAL A 122 -0.63 -5.98 -22.48
N SER A 123 0.25 -6.24 -21.52
CA SER A 123 1.57 -6.77 -21.86
C SER A 123 1.50 -8.13 -22.49
N THR A 124 0.39 -8.86 -22.26
CA THR A 124 0.17 -10.16 -22.90
C THR A 124 -0.39 -10.06 -24.29
N LYS A 125 -0.85 -8.90 -24.69
CA LYS A 125 -1.52 -8.73 -25.97
C LYS A 125 -0.63 -8.04 -27.00
N VAL A 126 0.39 -7.31 -26.55
CA VAL A 126 1.19 -6.51 -27.47
C VAL A 126 2.25 -7.35 -28.17
N PRO A 127 2.43 -7.13 -29.46
CA PRO A 127 3.47 -7.88 -30.14
C PRO A 127 4.85 -7.39 -29.78
N HIS A 128 5.85 -8.23 -29.96
CA HIS A 128 7.14 -7.95 -29.43
C HIS A 128 7.74 -6.63 -29.92
N GLU A 129 7.47 -6.28 -31.17
CA GLU A 129 7.99 -5.05 -31.75
C GLU A 129 7.53 -3.79 -31.04
N LEU A 130 6.49 -3.90 -30.21
CA LEU A 130 6.04 -2.76 -29.46
C LEU A 130 6.04 -3.03 -27.95
N ALA A 131 6.68 -4.13 -27.55
CA ALA A 131 6.66 -4.50 -26.13
C ALA A 131 7.44 -3.48 -25.28
N ASP A 132 8.58 -3.01 -25.73
CA ASP A 132 9.40 -2.15 -24.88
C ASP A 132 8.79 -0.78 -24.73
N ILE A 133 8.22 -0.25 -25.81
CA ILE A 133 7.57 1.04 -25.70
C ILE A 133 6.25 0.96 -24.88
N SER A 134 5.53 -0.14 -25.01
CA SER A 134 4.27 -0.29 -24.28
C SER A 134 4.62 -0.34 -22.81
N ARG A 135 5.65 -1.08 -22.45
CA ARG A 135 6.09 -1.20 -21.05
C ARG A 135 6.55 0.13 -20.53
N GLN A 136 7.28 0.89 -21.34
CA GLN A 136 7.75 2.23 -20.93
C GLN A 136 6.55 3.16 -20.60
N LEU A 137 5.53 3.12 -21.43
CA LEU A 137 4.37 3.97 -21.23
C LEU A 137 3.61 3.50 -19.97
N SER A 138 3.48 2.20 -19.80
CA SER A 138 2.80 1.64 -18.63
CA SER A 138 2.81 1.64 -18.63
C SER A 138 3.55 1.98 -17.36
N ASP A 139 4.85 1.88 -17.40
CA ASP A 139 5.67 2.23 -16.22
C ASP A 139 5.55 3.68 -15.87
N GLY A 140 5.51 4.54 -16.85
CA GLY A 140 5.37 5.96 -16.55
C GLY A 140 4.07 6.28 -15.86
N ILE A 141 2.98 5.65 -16.30
CA ILE A 141 1.69 5.85 -15.68
C ILE A 141 1.74 5.30 -14.24
N ALA A 142 2.24 4.09 -14.08
CA ALA A 142 2.29 3.46 -12.71
C ALA A 142 3.08 4.33 -11.77
N ALA A 143 4.24 4.80 -12.20
CA ALA A 143 5.06 5.66 -11.36
C ALA A 143 4.41 6.98 -11.06
N GLY A 144 3.68 7.52 -12.02
CA GLY A 144 2.94 8.75 -11.84
C GLY A 144 1.83 8.61 -10.81
N ILE A 145 1.06 7.53 -10.89
CA ILE A 145 0.04 7.28 -9.89
C ILE A 145 0.66 7.23 -8.52
N LYS A 146 1.82 6.56 -8.40
CA LYS A 146 2.48 6.48 -7.13
C LYS A 146 2.92 7.83 -6.61
N LYS A 147 3.42 8.67 -7.49
CA LYS A 147 3.77 10.05 -7.10
C LYS A 147 2.50 10.79 -6.57
N GLY A 148 1.35 10.52 -7.14
CA GLY A 148 0.11 11.07 -6.59
C GLY A 148 -0.22 10.51 -5.24
N ILE A 149 0.01 9.21 -5.06
CA ILE A 149 -0.21 8.57 -3.79
C ILE A 149 0.73 9.20 -2.73
N ASP A 150 1.98 9.45 -3.12
CA ASP A 150 2.97 10.06 -2.20
C ASP A 150 2.51 11.49 -1.80
N ALA A 151 2.00 12.23 -2.77
CA ALA A 151 1.60 13.62 -2.54
C ALA A 151 0.43 13.71 -1.53
N PHE A 152 -0.46 12.74 -1.52
CA PHE A 152 -1.64 12.78 -0.66
C PHE A 152 -1.54 11.92 0.58
N ALA A 153 -0.37 11.30 0.77
CA ALA A 153 -0.20 10.41 1.91
C ALA A 153 -0.16 11.22 3.20
N GLY A 154 -0.85 10.72 4.22
CA GLY A 154 -0.84 11.36 5.51
C GLY A 154 -1.76 12.57 5.60
N THR A 155 -2.42 12.91 4.49
CA THR A 155 -3.44 13.96 4.50
C THR A 155 -4.77 13.22 4.80
N ASP B 5 33.45 19.30 0.59
CA ASP B 5 33.59 17.87 0.98
C ASP B 5 32.26 17.13 0.79
N ILE B 6 32.27 16.13 -0.10
CA ILE B 6 31.07 15.29 -0.39
C ILE B 6 31.17 13.84 0.06
N SER B 7 32.05 13.57 1.02
CA SER B 7 32.21 12.23 1.52
C SER B 7 30.89 11.66 2.06
N ALA B 8 30.02 12.53 2.55
CA ALA B 8 28.76 12.02 3.10
C ALA B 8 27.99 11.34 2.01
N PHE B 9 28.04 11.88 0.78
CA PHE B 9 27.28 11.28 -0.35
C PHE B 9 27.91 9.98 -0.81
N GLN B 10 29.24 9.96 -0.89
CA GLN B 10 29.99 8.76 -1.27
C GLN B 10 29.80 7.64 -0.27
N LYS B 11 29.73 7.97 1.01
CA LYS B 11 29.51 6.94 2.05
C LYS B 11 28.13 6.32 1.91
N VAL B 12 27.13 7.14 1.62
CA VAL B 12 25.77 6.59 1.46
C VAL B 12 25.73 5.65 0.28
N ILE B 13 26.30 6.08 -0.85
CA ILE B 13 26.32 5.25 -2.01
C ILE B 13 27.04 3.93 -1.76
N GLN B 14 28.19 3.97 -1.09
CA GLN B 14 28.93 2.78 -0.81
C GLN B 14 28.16 1.85 0.15
N ASP B 15 27.53 2.43 1.17
CA ASP B 15 26.82 1.62 2.14
C ASP B 15 25.61 0.91 1.53
N ILE B 16 24.91 1.61 0.64
CA ILE B 16 23.79 0.99 -0.08
C ILE B 16 24.30 -0.06 -1.08
N SER B 17 25.42 0.23 -1.73
CA SER B 17 26.08 -0.71 -2.65
CA SER B 17 26.01 -0.71 -2.66
C SER B 17 26.48 -1.99 -1.98
N LEU B 18 27.11 -1.87 -0.81
CA LEU B 18 27.47 -3.05 0.02
C LEU B 18 26.25 -3.92 0.24
N ALA B 19 25.15 -3.30 0.68
CA ALA B 19 24.00 -4.04 1.03
C ALA B 19 23.34 -4.68 -0.19
N VAL B 20 23.20 -3.91 -1.27
CA VAL B 20 22.61 -4.44 -2.53
CA VAL B 20 22.57 -4.45 -2.48
C VAL B 20 23.40 -5.62 -3.07
N ASN B 21 24.71 -5.50 -3.03
CA ASN B 21 25.53 -6.56 -3.61
C ASN B 21 25.50 -7.82 -2.77
N LYS B 22 25.47 -7.67 -1.45
CA LYS B 22 25.38 -8.84 -0.60
C LYS B 22 24.07 -9.57 -0.87
N PHE B 23 22.96 -8.82 -0.97
CA PHE B 23 21.72 -9.42 -1.33
C PHE B 23 21.80 -10.16 -2.67
N ASN B 24 22.40 -9.53 -3.68
CA ASN B 24 22.56 -10.22 -4.99
C ASN B 24 23.36 -11.51 -4.88
N VAL B 25 24.43 -11.50 -4.07
CA VAL B 25 25.20 -12.71 -3.86
C VAL B 25 24.32 -13.84 -3.33
N ASP B 26 23.54 -13.51 -2.33
CA ASP B 26 22.73 -14.53 -1.69
C ASP B 26 21.54 -14.98 -2.50
N ILE B 27 20.87 -14.06 -3.18
CA ILE B 27 19.65 -14.44 -3.95
C ILE B 27 20.02 -15.24 -5.20
N GLU B 28 21.18 -14.95 -5.81
CA GLU B 28 21.59 -15.68 -7.00
C GLU B 28 21.95 -17.11 -6.67
N ARG B 29 22.44 -17.37 -5.48
CA ARG B 29 22.77 -18.75 -5.12
C ARG B 29 21.67 -19.48 -4.33
N TYR B 30 20.61 -18.76 -4.02
CA TYR B 30 19.44 -19.39 -3.37
C TYR B 30 18.67 -20.25 -4.37
N VAL B 31 18.38 -21.49 -3.98
CA VAL B 31 17.60 -22.40 -4.84
C VAL B 31 16.39 -22.95 -4.11
N GLY B 32 16.15 -22.49 -2.89
CA GLY B 32 15.08 -23.06 -2.03
C GLY B 32 15.51 -23.24 -0.60
N GLY B 33 14.52 -23.38 0.26
CA GLY B 33 14.75 -23.56 1.64
C GLY B 33 14.58 -22.26 2.40
N ASP B 34 15.04 -22.30 3.65
CA ASP B 34 14.86 -21.18 4.51
C ASP B 34 15.46 -19.88 3.92
N ALA B 35 14.68 -18.80 3.96
CA ALA B 35 15.06 -17.54 3.34
C ALA B 35 15.27 -16.42 4.37
N SER B 36 15.49 -16.80 5.64
CA SER B 36 15.68 -15.80 6.69
C SER B 36 16.89 -14.91 6.46
N HIS B 37 17.92 -15.48 5.85
CA HIS B 37 19.12 -14.69 5.53
C HIS B 37 18.87 -13.65 4.44
N LEU B 38 17.96 -13.97 3.55
CA LEU B 38 17.54 -13.03 2.50
C LEU B 38 16.75 -11.86 3.05
N LEU B 39 15.87 -12.14 3.99
CA LEU B 39 15.15 -11.08 4.69
CA LEU B 39 15.14 -11.09 4.69
C LEU B 39 16.11 -10.21 5.51
N ALA B 40 17.09 -10.84 6.16
CA ALA B 40 18.12 -10.09 6.89
C ALA B 40 18.86 -9.17 5.94
N ASP B 41 19.23 -9.68 4.75
CA ASP B 41 19.91 -8.86 3.77
C ASP B 41 19.05 -7.65 3.38
N GLY B 42 17.75 -7.90 3.20
CA GLY B 42 16.83 -6.80 2.88
C GLY B 42 16.73 -5.80 4.02
N ASN B 43 16.76 -6.29 5.25
CA ASN B 43 16.73 -5.40 6.43
C ASN B 43 17.95 -4.51 6.44
N VAL B 44 19.14 -5.06 6.13
CA VAL B 44 20.33 -4.23 6.11
C VAL B 44 20.19 -3.14 5.05
N LEU B 45 19.63 -3.51 3.91
CA LEU B 45 19.41 -2.57 2.86
C LEU B 45 18.46 -1.45 3.22
N ILE B 46 17.35 -1.79 3.89
CA ILE B 46 16.45 -0.71 4.40
C ILE B 46 17.19 0.18 5.38
N LYS B 47 17.98 -0.39 6.30
CA LYS B 47 18.74 0.41 7.29
CA LYS B 47 18.70 0.41 7.27
C LYS B 47 19.70 1.36 6.58
N ALA B 48 20.39 0.86 5.55
CA ALA B 48 21.32 1.69 4.79
C ALA B 48 20.60 2.83 4.13
N THR B 49 19.44 2.56 3.60
CA THR B 49 18.64 3.53 2.92
C THR B 49 18.19 4.65 3.91
N LEU B 50 17.70 4.24 5.09
CA LEU B 50 17.30 5.18 6.09
C LEU B 50 18.47 5.95 6.62
N ASP B 51 19.60 5.26 6.83
CA ASP B 51 20.85 5.95 7.25
C ASP B 51 21.20 7.05 6.22
N GLY B 52 21.01 6.76 4.95
CA GLY B 52 21.20 7.78 3.89
C GLY B 52 20.31 9.01 4.00
N VAL B 53 19.04 8.83 4.33
CA VAL B 53 18.12 9.93 4.50
C VAL B 53 18.57 10.79 5.71
N GLN B 54 18.94 10.13 6.78
CA GLN B 54 19.28 10.85 7.98
C GLN B 54 20.56 11.60 7.79
N SER B 55 21.49 11.01 7.04
CA SER B 55 22.83 11.56 6.79
C SER B 55 22.79 12.76 5.86
N LEU B 56 21.96 12.70 4.83
CA LEU B 56 22.04 13.69 3.73
C LEU B 56 21.02 14.78 3.88
N GLN B 57 20.10 14.62 4.82
CA GLN B 57 18.97 15.55 4.97
C GLN B 57 19.41 17.00 4.97
N ASN B 58 20.44 17.31 5.78
CA ASN B 58 20.86 18.68 5.98
C ASN B 58 22.11 19.07 5.18
N GLU B 59 22.60 18.19 4.30
CA GLU B 59 23.68 18.58 3.41
C GLU B 59 23.17 19.54 2.29
N PRO B 60 23.93 20.61 2.02
CA PRO B 60 23.43 21.53 0.99
C PRO B 60 23.42 20.88 -0.41
N PRO B 61 22.67 21.46 -1.34
CA PRO B 61 22.68 20.93 -2.71
C PRO B 61 24.07 20.81 -3.33
N LEU B 62 24.22 19.84 -4.21
CA LEU B 62 25.44 19.58 -4.95
C LEU B 62 25.65 20.58 -6.09
N SER B 63 26.88 21.08 -6.24
CA SER B 63 27.29 21.82 -7.42
C SER B 63 27.33 20.88 -8.62
N SER B 64 27.39 21.44 -9.83
CA SER B 64 27.44 20.62 -11.05
C SER B 64 28.68 19.74 -11.02
N MET B 65 29.80 20.30 -10.53
CA MET B 65 31.07 19.54 -10.46
C MET B 65 31.01 18.42 -9.38
N GLU B 66 30.36 18.70 -8.24
CA GLU B 66 30.20 17.70 -7.19
C GLU B 66 29.30 16.57 -7.62
N ALA B 67 28.20 16.92 -8.27
CA ALA B 67 27.27 15.90 -8.75
C ALA B 67 27.89 15.09 -9.87
N LEU B 68 28.65 15.73 -10.73
CA LEU B 68 29.23 15.01 -11.85
C LEU B 68 30.17 13.91 -11.36
N ALA B 69 30.86 14.21 -10.26
CA ALA B 69 31.77 13.23 -9.65
C ALA B 69 31.04 12.00 -9.08
N LEU B 70 29.72 12.09 -8.91
CA LEU B 70 28.92 10.99 -8.35
C LEU B 70 28.19 10.16 -9.42
N VAL B 71 28.30 10.57 -10.68
CA VAL B 71 27.50 9.97 -11.74
C VAL B 71 27.85 8.49 -11.96
N GLY B 72 29.16 8.16 -11.95
CA GLY B 72 29.59 6.78 -12.19
C GLY B 72 29.08 5.80 -11.12
N PRO B 73 29.41 6.08 -9.84
CA PRO B 73 28.96 5.26 -8.74
C PRO B 73 27.43 5.13 -8.69
N VAL B 74 26.71 6.22 -8.95
CA VAL B 74 25.23 6.20 -8.95
C VAL B 74 24.65 5.33 -10.06
N GLN B 75 25.19 5.47 -11.27
CA GLN B 75 24.69 4.65 -12.31
C GLN B 75 24.94 3.16 -12.13
N ASP B 76 26.11 2.82 -11.59
CA ASP B 76 26.38 1.47 -11.26
C ASP B 76 25.37 0.94 -10.22
N LEU B 77 25.21 1.71 -9.11
CA LEU B 77 24.28 1.34 -8.07
C LEU B 77 22.84 1.10 -8.63
N SER B 78 22.39 1.98 -9.51
CA SER B 78 21.08 1.82 -10.17
C SER B 78 20.99 0.48 -10.82
N ASN B 79 22.03 0.12 -11.60
CA ASN B 79 22.03 -1.16 -12.30
C ASN B 79 22.01 -2.37 -11.34
N GLN B 80 22.69 -2.23 -10.19
CA GLN B 80 22.75 -3.31 -9.23
C GLN B 80 21.39 -3.50 -8.50
N ILE B 81 20.70 -2.38 -8.28
CA ILE B 81 19.37 -2.41 -7.64
C ILE B 81 18.34 -3.02 -8.59
N LEU B 82 18.42 -2.64 -9.88
CA LEU B 82 17.54 -3.25 -10.84
C LEU B 82 17.76 -4.75 -11.01
N LEU B 83 19.03 -5.14 -10.94
CA LEU B 83 19.35 -6.57 -10.88
C LEU B 83 18.83 -7.29 -9.65
N ALA B 84 18.90 -6.65 -8.50
CA ALA B 84 18.41 -7.27 -7.29
C ALA B 84 16.88 -7.50 -7.32
N ILE B 85 16.17 -6.55 -7.88
CA ILE B 85 14.73 -6.67 -8.00
C ILE B 85 14.33 -7.81 -8.97
N GLN B 86 15.02 -7.90 -10.10
CA GLN B 86 14.77 -8.97 -11.02
C GLN B 86 15.14 -10.33 -10.48
N ASN B 87 16.29 -10.40 -9.77
CA ASN B 87 16.74 -11.66 -9.19
C ASN B 87 15.71 -12.19 -8.18
N LEU B 88 15.14 -11.24 -7.40
CA LEU B 88 14.15 -11.60 -6.40
C LEU B 88 12.88 -12.16 -7.03
N ILE B 89 12.40 -11.48 -8.06
CA ILE B 89 11.26 -11.94 -8.79
C ILE B 89 11.52 -13.33 -9.43
N ASP B 90 12.72 -13.51 -9.94
CA ASP B 90 13.08 -14.78 -10.53
C ASP B 90 12.99 -15.93 -9.54
N LYS B 91 13.10 -15.64 -8.24
CA LYS B 91 13.11 -16.72 -7.21
C LYS B 91 11.77 -16.78 -6.44
N LYS B 92 10.72 -16.24 -7.04
CA LYS B 92 9.41 -16.30 -6.42
C LYS B 92 9.03 -17.68 -6.04
N GLU B 93 9.19 -18.65 -6.96
CA GLU B 93 8.72 -20.00 -6.67
C GLU B 93 9.34 -20.62 -5.41
N PRO B 94 10.69 -20.66 -5.30
CA PRO B 94 11.22 -21.26 -4.09
C PRO B 94 10.84 -20.43 -2.82
N LEU B 95 10.78 -19.11 -2.95
CA LEU B 95 10.49 -18.27 -1.79
C LEU B 95 9.08 -18.57 -1.31
N VAL B 96 8.15 -18.67 -2.24
CA VAL B 96 6.73 -18.98 -1.87
C VAL B 96 6.59 -20.40 -1.32
N GLN B 97 7.29 -21.35 -1.92
CA GLN B 97 7.25 -22.72 -1.35
C GLN B 97 7.77 -22.80 0.08
N ALA B 98 8.71 -21.94 0.42
CA ALA B 98 9.37 -21.99 1.71
C ALA B 98 8.51 -21.27 2.77
N GLY B 99 7.48 -20.60 2.31
CA GLY B 99 6.53 -19.90 3.21
C GLY B 99 6.95 -18.48 3.46
N PHE B 100 7.71 -17.89 2.54
CA PHE B 100 8.29 -16.54 2.75
C PHE B 100 7.67 -15.46 1.87
N GLY B 101 6.64 -15.78 1.10
CA GLY B 101 6.06 -14.82 0.14
C GLY B 101 5.52 -13.55 0.83
N GLY B 102 4.73 -13.74 1.88
CA GLY B 102 4.22 -12.60 2.62
C GLY B 102 5.30 -11.78 3.30
N LYS B 103 6.33 -12.44 3.84
CA LYS B 103 7.45 -11.73 4.45
C LYS B 103 8.19 -10.90 3.43
N VAL B 104 8.37 -11.44 2.24
CA VAL B 104 9.06 -10.72 1.16
C VAL B 104 8.22 -9.53 0.73
N GLU B 105 6.92 -9.74 0.60
CA GLU B 105 5.99 -8.66 0.26
C GLU B 105 6.05 -7.54 1.26
N ASN B 106 6.09 -7.89 2.55
CA ASN B 106 6.16 -6.88 3.60
C ASN B 106 7.50 -6.12 3.66
N ASN B 107 8.61 -6.85 3.41
CA ASN B 107 9.87 -6.22 3.37
C ASN B 107 9.94 -5.25 2.14
N LEU B 108 9.45 -5.69 1.00
CA LEU B 108 9.41 -4.81 -0.18
C LEU B 108 8.57 -3.53 0.01
N ARG B 109 7.48 -3.61 0.76
CA ARG B 109 6.73 -2.42 1.08
CA ARG B 109 6.73 -2.42 1.08
C ARG B 109 7.54 -1.44 1.93
N GLN B 110 8.37 -1.98 2.85
CA GLN B 110 9.25 -1.11 3.61
C GLN B 110 10.39 -0.56 2.74
N GLN B 111 10.88 -1.36 1.83
CA GLN B 111 11.94 -0.90 0.88
CA GLN B 111 11.94 -0.84 0.91
C GLN B 111 11.39 0.27 0.09
N GLU B 112 10.15 0.14 -0.34
CA GLU B 112 9.50 1.14 -1.19
C GLU B 112 9.39 2.47 -0.47
N GLU B 113 8.95 2.43 0.79
CA GLU B 113 8.78 3.64 1.55
C GLU B 113 10.12 4.31 1.86
N ALA B 114 11.14 3.48 2.21
CA ALA B 114 12.47 4.02 2.50
C ALA B 114 13.08 4.65 1.26
N ALA B 115 12.94 3.96 0.13
CA ALA B 115 13.52 4.43 -1.14
C ALA B 115 12.85 5.72 -1.52
N GLN B 116 11.53 5.84 -1.31
CA GLN B 116 10.81 7.05 -1.76
C GLN B 116 11.30 8.28 -0.95
N LYS B 117 11.59 8.06 0.34
CA LYS B 117 12.14 9.13 1.18
C LYS B 117 13.50 9.54 0.65
N LEU B 118 14.34 8.57 0.36
CA LEU B 118 15.68 8.91 -0.09
C LEU B 118 15.64 9.57 -1.50
N SER B 119 14.76 9.10 -2.38
CA SER B 119 14.66 9.67 -3.72
CA SER B 119 14.68 9.66 -3.73
C SER B 119 14.21 11.11 -3.67
N GLU B 120 13.23 11.37 -2.81
CA GLU B 120 12.71 12.75 -2.66
C GLU B 120 13.80 13.67 -2.17
N LEU B 121 14.57 13.19 -1.19
CA LEU B 121 15.69 13.98 -0.67
C LEU B 121 16.75 14.23 -1.77
N VAL B 122 17.13 13.17 -2.47
CA VAL B 122 18.11 13.30 -3.57
C VAL B 122 17.69 14.35 -4.60
N SER B 123 16.41 14.40 -4.91
CA SER B 123 15.94 15.37 -5.89
C SER B 123 16.14 16.82 -5.49
N THR B 124 16.26 17.07 -4.18
CA THR B 124 16.58 18.40 -3.66
C THR B 124 18.04 18.74 -3.70
N LYS B 125 18.90 17.75 -3.94
CA LYS B 125 20.35 17.96 -3.87
C LYS B 125 21.00 18.01 -5.25
N VAL B 126 20.34 17.48 -6.27
CA VAL B 126 20.96 17.34 -7.58
CA VAL B 126 20.96 17.35 -7.60
C VAL B 126 20.83 18.64 -8.37
N PRO B 127 21.90 19.08 -9.01
CA PRO B 127 21.77 20.29 -9.84
C PRO B 127 20.93 20.06 -11.08
N HIS B 128 20.41 21.13 -11.64
CA HIS B 128 19.44 21.00 -12.67
C HIS B 128 19.92 20.22 -13.88
N GLU B 129 21.21 20.36 -14.21
CA GLU B 129 21.76 19.68 -15.36
C GLU B 129 21.70 18.17 -15.25
N LEU B 130 21.44 17.65 -14.06
CA LEU B 130 21.35 16.20 -13.91
C LEU B 130 19.99 15.82 -13.29
N ALA B 131 19.07 16.78 -13.23
CA ALA B 131 17.77 16.50 -12.62
C ALA B 131 16.96 15.48 -13.38
N ASP B 132 16.93 15.57 -14.71
CA ASP B 132 16.06 14.67 -15.47
C ASP B 132 16.58 13.24 -15.46
N ILE B 133 17.88 13.08 -15.54
CA ILE B 133 18.44 11.72 -15.49
C ILE B 133 18.35 11.11 -14.08
N SER B 134 18.52 11.91 -13.06
CA SER B 134 18.43 11.44 -11.69
C SER B 134 17.01 10.96 -11.46
N ARG B 135 16.05 11.73 -11.93
CA ARG B 135 14.65 11.38 -11.75
C ARG B 135 14.30 10.12 -12.54
N GLN B 136 14.84 10.00 -13.73
CA GLN B 136 14.63 8.78 -14.55
C GLN B 136 15.15 7.52 -13.80
N LEU B 137 16.34 7.62 -13.23
CA LEU B 137 16.90 6.49 -12.51
C LEU B 137 16.08 6.18 -11.25
N SER B 138 15.68 7.21 -10.55
CA SER B 138 14.85 7.04 -9.35
CA SER B 138 14.86 7.04 -9.36
C SER B 138 13.51 6.41 -9.69
N ASP B 139 12.89 6.86 -10.77
CA ASP B 139 11.62 6.29 -11.19
C ASP B 139 11.76 4.84 -11.57
N GLY B 140 12.84 4.48 -12.26
CA GLY B 140 13.03 3.08 -12.62
C GLY B 140 13.15 2.16 -11.41
N ILE B 141 13.84 2.62 -10.38
CA ILE B 141 13.97 1.84 -9.14
C ILE B 141 12.60 1.75 -8.47
N ALA B 142 11.91 2.86 -8.36
CA ALA B 142 10.56 2.86 -7.68
C ALA B 142 9.63 1.90 -8.40
N ALA B 143 9.56 1.99 -9.71
CA ALA B 143 8.70 1.12 -10.47
C ALA B 143 9.10 -0.34 -10.39
N GLY B 144 10.39 -0.60 -10.29
CA GLY B 144 10.89 -1.93 -10.13
C GLY B 144 10.54 -2.53 -8.76
N ILE B 145 10.67 -1.74 -7.70
CA ILE B 145 10.20 -2.20 -6.38
C ILE B 145 8.74 -2.57 -6.45
N LYS B 146 7.93 -1.73 -7.10
CA LYS B 146 6.52 -2.01 -7.21
C LYS B 146 6.24 -3.31 -7.97
N LYS B 147 6.97 -3.54 -9.04
CA LYS B 147 6.84 -4.81 -9.77
C LYS B 147 7.17 -6.00 -8.82
N GLY B 148 8.10 -5.83 -7.92
CA GLY B 148 8.36 -6.89 -6.92
C GLY B 148 7.24 -7.05 -5.96
N ILE B 149 6.66 -5.93 -5.52
CA ILE B 149 5.50 -5.95 -4.67
C ILE B 149 4.34 -6.68 -5.38
N ASP B 150 4.17 -6.44 -6.67
CA ASP B 150 3.08 -7.07 -7.45
C ASP B 150 3.32 -8.59 -7.52
N ALA B 151 4.57 -8.97 -7.76
CA ALA B 151 4.94 -10.38 -7.87
C ALA B 151 4.68 -11.19 -6.59
N PHE B 152 4.81 -10.57 -5.42
CA PHE B 152 4.62 -11.27 -4.15
C PHE B 152 3.29 -11.00 -3.47
N ALA B 153 2.42 -10.26 -4.14
CA ALA B 153 1.14 -9.90 -3.52
C ALA B 153 0.26 -11.13 -3.44
N GLY B 154 -0.40 -11.31 -2.30
CA GLY B 154 -1.32 -12.40 -2.13
C GLY B 154 -0.65 -13.73 -1.83
N THR B 155 0.68 -13.75 -1.70
CA THR B 155 1.43 -14.99 -1.37
C THR B 155 1.74 -15.17 0.16
N LYS C 1 -22.86 11.99 20.58
CA LYS C 1 -21.53 11.37 20.38
C LYS C 1 -21.05 10.60 21.60
N VAL C 2 -21.96 10.18 22.48
CA VAL C 2 -21.56 9.53 23.74
C VAL C 2 -21.09 8.14 23.43
N LYS C 3 -21.96 7.40 22.74
CA LYS C 3 -21.65 6.08 22.30
C LYS C 3 -20.71 6.15 21.13
N ARG C 4 -20.35 5.00 20.64
CA ARG C 4 -19.80 4.92 19.34
C ARG C 4 -20.71 5.45 18.29
N ASP C 5 -20.10 6.14 17.35
CA ASP C 5 -20.69 6.41 16.10
C ASP C 5 -20.20 5.34 15.15
N ILE C 6 -21.01 4.30 14.95
CA ILE C 6 -20.69 3.19 14.04
C ILE C 6 -21.24 3.49 12.65
N SER C 7 -21.53 4.76 12.38
CA SER C 7 -22.11 5.14 11.09
C SER C 7 -21.20 4.79 9.93
N ALA C 8 -19.88 4.75 10.15
CA ALA C 8 -18.97 4.33 9.10
C ALA C 8 -19.33 2.92 8.60
N PHE C 9 -19.66 2.01 9.52
CA PHE C 9 -19.97 0.65 9.19
C PHE C 9 -21.32 0.59 8.46
N GLN C 10 -22.32 1.29 9.00
CA GLN C 10 -23.62 1.35 8.38
C GLN C 10 -23.55 1.94 6.97
N LYS C 11 -22.67 2.93 6.75
CA LYS C 11 -22.56 3.58 5.43
C LYS C 11 -22.00 2.59 4.41
N VAL C 12 -21.06 1.76 4.84
CA VAL C 12 -20.49 0.79 3.95
C VAL C 12 -21.53 -0.23 3.55
N ILE C 13 -22.31 -0.70 4.51
CA ILE C 13 -23.38 -1.61 4.22
C ILE C 13 -24.41 -0.99 3.25
N GLN C 14 -24.80 0.26 3.49
CA GLN C 14 -25.79 0.91 2.66
C GLN C 14 -25.26 1.12 1.23
N ASP C 15 -23.99 1.50 1.12
CA ASP C 15 -23.37 1.75 -0.20
C ASP C 15 -23.30 0.47 -1.03
N ILE C 16 -22.98 -0.63 -0.38
CA ILE C 16 -22.96 -1.90 -1.07
C ILE C 16 -24.38 -2.31 -1.43
N SER C 17 -25.32 -2.12 -0.50
CA SER C 17 -26.72 -2.46 -0.77
C SER C 17 -27.27 -1.69 -1.94
N LEU C 18 -26.97 -0.40 -2.02
CA LEU C 18 -27.37 0.43 -3.17
C LEU C 18 -26.83 -0.11 -4.50
N ALA C 19 -25.56 -0.51 -4.51
CA ALA C 19 -24.95 -1.03 -5.73
C ALA C 19 -25.58 -2.37 -6.11
N VAL C 20 -25.77 -3.26 -5.11
CA VAL C 20 -26.39 -4.58 -5.36
CA VAL C 20 -26.36 -4.55 -5.44
C VAL C 20 -27.78 -4.40 -5.95
N ASN C 21 -28.53 -3.46 -5.37
CA ASN C 21 -29.95 -3.41 -5.74
C ASN C 21 -30.11 -2.85 -7.14
N LYS C 22 -29.21 -1.96 -7.54
CA LYS C 22 -29.23 -1.45 -8.91
C LYS C 22 -28.87 -2.56 -9.90
N PHE C 23 -27.82 -3.31 -9.59
CA PHE C 23 -27.48 -4.49 -10.38
C PHE C 23 -28.69 -5.44 -10.50
N ASN C 24 -29.31 -5.75 -9.36
CA ASN C 24 -30.37 -6.70 -9.35
C ASN C 24 -31.57 -6.29 -10.20
N VAL C 25 -31.94 -5.02 -10.10
CA VAL C 25 -33.02 -4.52 -10.90
C VAL C 25 -32.68 -4.65 -12.38
N ASP C 26 -31.45 -4.26 -12.73
CA ASP C 26 -31.07 -4.29 -14.13
C ASP C 26 -30.98 -5.73 -14.62
N ILE C 27 -30.53 -6.67 -13.79
CA ILE C 27 -30.43 -8.07 -14.24
C ILE C 27 -31.80 -8.65 -14.43
N GLU C 28 -32.74 -8.31 -13.55
CA GLU C 28 -34.09 -8.82 -13.72
C GLU C 28 -34.83 -8.27 -14.94
N ARG C 29 -34.53 -7.01 -15.28
CA ARG C 29 -35.09 -6.38 -16.44
C ARG C 29 -34.43 -6.83 -17.71
N TYR C 30 -33.20 -7.31 -17.62
CA TYR C 30 -32.47 -7.77 -18.81
C TYR C 30 -33.14 -8.97 -19.40
N VAL C 31 -33.40 -8.94 -20.70
CA VAL C 31 -34.00 -10.09 -21.39
C VAL C 31 -33.28 -10.41 -22.69
N GLY C 32 -32.05 -9.94 -22.78
CA GLY C 32 -31.24 -10.21 -23.99
C GLY C 32 -30.50 -9.02 -24.50
N GLY C 33 -29.55 -9.29 -25.40
CA GLY C 33 -28.83 -8.23 -26.00
C GLY C 33 -27.63 -7.74 -25.22
N ASP C 34 -27.14 -6.56 -25.58
CA ASP C 34 -25.94 -6.04 -24.97
C ASP C 34 -26.05 -5.98 -23.42
N ALA C 35 -25.02 -6.47 -22.74
CA ALA C 35 -25.01 -6.52 -21.27
C ALA C 35 -23.91 -5.63 -20.66
N SER C 36 -23.42 -4.62 -21.42
CA SER C 36 -22.38 -3.73 -20.89
C SER C 36 -22.79 -3.01 -19.61
N HIS C 37 -24.05 -2.62 -19.53
CA HIS C 37 -24.56 -1.91 -18.40
C HIS C 37 -24.57 -2.77 -17.14
N LEU C 38 -24.72 -4.08 -17.33
CA LEU C 38 -24.60 -5.02 -16.19
C LEU C 38 -23.19 -5.14 -15.67
N LEU C 39 -22.21 -5.15 -16.56
CA LEU C 39 -20.83 -5.20 -16.17
C LEU C 39 -20.50 -3.91 -15.40
N ALA C 40 -20.99 -2.80 -15.91
CA ALA C 40 -20.78 -1.49 -15.24
C ALA C 40 -21.42 -1.43 -13.85
N ASP C 41 -22.65 -1.93 -13.74
CA ASP C 41 -23.24 -2.12 -12.38
C ASP C 41 -22.34 -2.97 -11.48
N GLY C 42 -21.78 -4.10 -12.00
CA GLY C 42 -20.89 -4.93 -11.24
C GLY C 42 -19.64 -4.17 -10.79
N ASN C 43 -19.10 -3.33 -11.67
CA ASN C 43 -17.99 -2.54 -11.28
C ASN C 43 -18.27 -1.41 -10.25
N VAL C 44 -19.49 -0.90 -10.23
CA VAL C 44 -19.89 0.04 -9.12
C VAL C 44 -19.95 -0.73 -7.82
N LEU C 45 -20.41 -1.98 -7.90
CA LEU C 45 -20.41 -2.87 -6.72
C LEU C 45 -18.99 -3.22 -6.21
N ILE C 46 -18.05 -3.51 -7.12
CA ILE C 46 -16.68 -3.73 -6.74
C ILE C 46 -16.11 -2.47 -6.06
N LYS C 47 -16.40 -1.31 -6.62
CA LYS C 47 -15.92 -0.06 -5.99
C LYS C 47 -16.48 0.15 -4.60
N ALA C 48 -17.76 -0.14 -4.40
CA ALA C 48 -18.34 -0.01 -3.08
C ALA C 48 -17.67 -0.93 -2.06
N THR C 49 -17.37 -2.15 -2.51
CA THR C 49 -16.75 -3.17 -1.69
C THR C 49 -15.32 -2.71 -1.29
N LEU C 50 -14.57 -2.29 -2.29
CA LEU C 50 -13.18 -1.81 -2.01
C LEU C 50 -13.16 -0.48 -1.20
N ASP C 51 -14.16 0.39 -1.45
CA ASP C 51 -14.33 1.59 -0.60
C ASP C 51 -14.53 1.20 0.85
N GLY C 52 -15.24 0.11 1.07
CA GLY C 52 -15.47 -0.38 2.42
C GLY C 52 -14.20 -0.78 3.12
N VAL C 53 -13.35 -1.49 2.41
CA VAL C 53 -12.09 -1.93 2.98
C VAL C 53 -11.32 -0.71 3.45
N GLN C 54 -11.27 0.30 2.59
CA GLN C 54 -10.49 1.50 2.92
C GLN C 54 -11.12 2.35 4.00
N SER C 55 -12.43 2.49 3.98
CA SER C 55 -13.15 3.31 4.94
C SER C 55 -13.03 2.79 6.36
N LEU C 56 -12.93 1.48 6.51
CA LEU C 56 -13.04 0.83 7.80
C LEU C 56 -11.67 0.39 8.33
N GLN C 57 -10.64 0.50 7.51
CA GLN C 57 -9.29 0.00 7.89
C GLN C 57 -8.84 0.46 9.28
N ASN C 58 -9.00 1.75 9.58
CA ASN C 58 -8.45 2.30 10.80
CA ASN C 58 -8.47 2.33 10.80
C ASN C 58 -9.48 2.39 11.95
N GLU C 59 -10.66 1.77 11.78
CA GLU C 59 -11.65 1.76 12.85
C GLU C 59 -11.20 0.88 14.04
N PRO C 60 -11.57 1.29 15.28
CA PRO C 60 -11.34 0.39 16.41
C PRO C 60 -12.26 -0.80 16.32
N PRO C 61 -11.99 -1.85 17.09
CA PRO C 61 -12.84 -3.04 17.03
C PRO C 61 -14.22 -2.70 17.44
N LEU C 62 -15.16 -3.48 16.93
CA LEU C 62 -16.54 -3.43 17.41
C LEU C 62 -16.73 -4.15 18.73
N SER C 63 -17.44 -3.53 19.65
CA SER C 63 -17.89 -4.23 20.85
C SER C 63 -18.90 -5.30 20.47
N SER C 64 -19.20 -6.18 21.41
CA SER C 64 -20.28 -7.14 21.21
C SER C 64 -21.59 -6.45 20.84
N MET C 65 -21.93 -5.41 21.57
CA MET C 65 -23.18 -4.66 21.37
CA MET C 65 -23.18 -4.70 21.34
C MET C 65 -23.19 -4.00 19.99
N GLU C 66 -22.06 -3.42 19.59
CA GLU C 66 -21.99 -2.74 18.31
C GLU C 66 -22.08 -3.71 17.18
N ALA C 67 -21.43 -4.84 17.30
CA ALA C 67 -21.47 -5.84 16.24
C ALA C 67 -22.84 -6.48 16.18
N LEU C 68 -23.48 -6.65 17.34
CA LEU C 68 -24.81 -7.26 17.35
C LEU C 68 -25.76 -6.43 16.59
N ALA C 69 -25.62 -5.12 16.70
CA ALA C 69 -26.51 -4.18 16.01
C ALA C 69 -26.36 -4.24 14.50
N LEU C 70 -25.26 -4.81 14.02
CA LEU C 70 -25.01 -4.88 12.58
C LEU C 70 -25.40 -6.22 12.00
N VAL C 71 -25.82 -7.16 12.84
CA VAL C 71 -26.14 -8.50 12.37
C VAL C 71 -27.35 -8.47 11.45
N GLY C 72 -28.33 -7.63 11.78
CA GLY C 72 -29.53 -7.49 10.95
C GLY C 72 -29.23 -6.95 9.56
N PRO C 73 -28.61 -5.75 9.49
CA PRO C 73 -28.21 -5.16 8.20
C PRO C 73 -27.26 -6.08 7.34
N VAL C 74 -26.37 -6.82 7.99
CA VAL C 74 -25.49 -7.75 7.30
C VAL C 74 -26.23 -8.99 6.77
N GLN C 75 -27.17 -9.53 7.54
CA GLN C 75 -27.96 -10.63 7.02
C GLN C 75 -28.84 -10.19 5.88
N ASP C 76 -29.36 -8.97 5.94
CA ASP C 76 -30.19 -8.41 4.86
C ASP C 76 -29.35 -8.27 3.61
N LEU C 77 -28.15 -7.74 3.77
CA LEU C 77 -27.22 -7.60 2.64
C LEU C 77 -26.81 -8.96 2.01
N SER C 78 -26.54 -9.98 2.84
CA SER C 78 -26.31 -11.32 2.35
C SER C 78 -27.49 -11.78 1.50
N ASN C 79 -28.71 -11.66 2.07
CA ASN C 79 -29.90 -12.08 1.35
C ASN C 79 -29.97 -11.39 -0.04
N GLN C 80 -29.65 -10.09 -0.10
CA GLN C 80 -29.74 -9.34 -1.31
C GLN C 80 -28.69 -9.79 -2.34
N ILE C 81 -27.45 -10.05 -1.87
CA ILE C 81 -26.36 -10.49 -2.74
C ILE C 81 -26.70 -11.85 -3.31
N LEU C 82 -27.15 -12.77 -2.45
CA LEU C 82 -27.39 -14.13 -2.91
C LEU C 82 -28.53 -14.16 -3.94
N LEU C 83 -29.53 -13.30 -3.72
CA LEU C 83 -30.67 -13.18 -4.68
C LEU C 83 -30.16 -12.63 -6.01
N ALA C 84 -29.31 -11.61 -5.96
CA ALA C 84 -28.79 -11.03 -7.20
C ALA C 84 -27.99 -12.03 -8.04
N ILE C 85 -27.20 -12.85 -7.34
CA ILE C 85 -26.45 -13.91 -8.00
C ILE C 85 -27.38 -14.91 -8.67
N GLN C 86 -28.41 -15.33 -7.98
CA GLN C 86 -29.36 -16.24 -8.56
C GLN C 86 -30.05 -15.63 -9.81
N ASN C 87 -30.42 -14.35 -9.71
CA ASN C 87 -31.08 -13.71 -10.86
C ASN C 87 -30.12 -13.59 -12.02
N LEU C 88 -28.83 -13.40 -11.76
CA LEU C 88 -27.81 -13.42 -12.80
C LEU C 88 -27.70 -14.82 -13.47
N ILE C 89 -27.57 -15.85 -12.66
CA ILE C 89 -27.50 -17.22 -13.17
C ILE C 89 -28.74 -17.52 -14.01
N ASP C 90 -29.90 -17.02 -13.57
CA ASP C 90 -31.13 -17.23 -14.30
C ASP C 90 -31.07 -16.71 -15.75
N LYS C 91 -30.26 -15.70 -15.99
CA LYS C 91 -30.13 -15.06 -17.30
C LYS C 91 -28.92 -15.56 -18.11
N LYS C 92 -28.37 -16.68 -17.70
CA LYS C 92 -27.20 -17.22 -18.38
C LYS C 92 -27.44 -17.35 -19.91
N GLU C 93 -28.55 -17.95 -20.31
CA GLU C 93 -28.81 -18.10 -21.78
C GLU C 93 -28.73 -16.82 -22.59
N PRO C 94 -29.53 -15.79 -22.29
CA PRO C 94 -29.38 -14.59 -23.06
C PRO C 94 -27.98 -13.98 -22.95
N LEU C 95 -27.36 -14.07 -21.79
CA LEU C 95 -26.02 -13.44 -21.60
C LEU C 95 -25.01 -14.15 -22.46
N VAL C 96 -25.01 -15.45 -22.46
CA VAL C 96 -24.05 -16.21 -23.25
C VAL C 96 -24.30 -16.01 -24.75
N GLN C 97 -25.57 -16.01 -25.16
CA GLN C 97 -25.86 -15.86 -26.57
C GLN C 97 -25.40 -14.49 -27.08
N ALA C 98 -25.46 -13.48 -26.22
CA ALA C 98 -25.05 -12.12 -26.56
C ALA C 98 -23.51 -11.93 -26.55
N GLY C 99 -22.77 -12.96 -26.15
CA GLY C 99 -21.29 -12.94 -26.14
C GLY C 99 -20.68 -12.39 -24.87
N PHE C 100 -21.45 -12.39 -23.79
CA PHE C 100 -21.02 -11.78 -22.54
C PHE C 100 -20.68 -12.77 -21.43
N GLY C 101 -20.72 -14.07 -21.70
CA GLY C 101 -20.46 -15.06 -20.66
C GLY C 101 -19.07 -14.92 -20.05
N GLY C 102 -18.05 -14.84 -20.89
CA GLY C 102 -16.73 -14.65 -20.34
C GLY C 102 -16.73 -13.38 -19.46
N LYS C 103 -17.32 -12.31 -19.94
CA LYS C 103 -17.10 -11.02 -19.34
C LYS C 103 -17.74 -11.00 -18.02
N VAL C 104 -18.85 -11.66 -17.96
CA VAL C 104 -19.52 -11.84 -16.67
C VAL C 104 -18.68 -12.70 -15.72
N GLU C 105 -18.11 -13.77 -16.25
CA GLU C 105 -17.19 -14.60 -15.48
C GLU C 105 -16.10 -13.70 -14.84
N ASN C 106 -15.51 -12.86 -15.68
CA ASN C 106 -14.36 -12.06 -15.27
C ASN C 106 -14.77 -11.02 -14.22
N ASN C 107 -15.97 -10.48 -14.35
CA ASN C 107 -16.48 -9.56 -13.38
C ASN C 107 -16.71 -10.26 -12.06
N LEU C 108 -17.32 -11.45 -12.10
CA LEU C 108 -17.50 -12.25 -10.90
C LEU C 108 -16.16 -12.63 -10.19
N ARG C 109 -15.09 -12.88 -10.94
CA ARG C 109 -13.83 -13.18 -10.33
C ARG C 109 -13.29 -11.96 -9.60
N GLN C 110 -13.53 -10.78 -10.14
CA GLN C 110 -13.15 -9.53 -9.46
C GLN C 110 -14.06 -9.29 -8.24
N GLN C 111 -15.35 -9.61 -8.33
CA GLN C 111 -16.22 -9.51 -7.15
C GLN C 111 -15.72 -10.41 -6.03
N GLU C 112 -15.31 -11.62 -6.39
CA GLU C 112 -14.78 -12.59 -5.41
C GLU C 112 -13.55 -12.05 -4.70
N GLU C 113 -12.63 -11.48 -5.48
CA GLU C 113 -11.41 -10.94 -4.92
CA GLU C 113 -11.40 -10.91 -4.93
C GLU C 113 -11.70 -9.78 -3.95
N ALA C 114 -12.61 -8.90 -4.33
CA ALA C 114 -12.97 -7.76 -3.50
C ALA C 114 -13.74 -8.19 -2.26
N ALA C 115 -14.68 -9.11 -2.44
CA ALA C 115 -15.38 -9.65 -1.27
C ALA C 115 -14.41 -10.30 -0.31
N GLN C 116 -13.40 -11.02 -0.80
CA GLN C 116 -12.43 -11.66 0.10
C GLN C 116 -11.65 -10.62 0.91
N LYS C 117 -11.28 -9.52 0.28
CA LYS C 117 -10.60 -8.44 1.01
C LYS C 117 -11.50 -7.83 2.09
N LEU C 118 -12.77 -7.62 1.79
CA LEU C 118 -13.66 -7.04 2.74
C LEU C 118 -13.96 -8.03 3.88
N SER C 119 -14.06 -9.30 3.55
CA SER C 119 -14.31 -10.30 4.61
C SER C 119 -13.16 -10.31 5.54
N GLU C 120 -11.95 -10.27 4.98
CA GLU C 120 -10.74 -10.28 5.78
C GLU C 120 -10.77 -9.08 6.71
N LEU C 121 -11.08 -7.90 6.17
CA LEU C 121 -11.15 -6.66 7.00
C LEU C 121 -12.16 -6.85 8.15
N VAL C 122 -13.36 -7.33 7.81
CA VAL C 122 -14.40 -7.53 8.79
C VAL C 122 -13.91 -8.40 9.92
N SER C 123 -13.18 -9.47 9.56
CA SER C 123 -12.66 -10.36 10.64
C SER C 123 -11.73 -9.69 11.65
N THR C 124 -11.13 -8.56 11.24
CA THR C 124 -10.28 -7.78 12.11
C THR C 124 -11.07 -6.78 12.98
N LYS C 125 -12.37 -6.70 12.80
CA LYS C 125 -13.21 -5.75 13.57
C LYS C 125 -14.21 -6.42 14.51
N VAL C 126 -14.53 -7.69 14.24
CA VAL C 126 -15.55 -8.38 14.98
CA VAL C 126 -15.55 -8.38 15.04
C VAL C 126 -14.96 -8.98 16.27
N PRO C 127 -15.66 -8.84 17.41
CA PRO C 127 -15.16 -9.44 18.62
C PRO C 127 -15.43 -10.95 18.62
N HIS C 128 -14.65 -11.68 19.43
CA HIS C 128 -14.68 -13.13 19.35
C HIS C 128 -16.08 -13.75 19.51
N GLU C 129 -16.90 -13.13 20.34
CA GLU C 129 -18.26 -13.59 20.55
C GLU C 129 -19.14 -13.58 19.32
N LEU C 130 -18.76 -12.88 18.25
CA LEU C 130 -19.48 -12.90 17.02
CA LEU C 130 -19.48 -12.91 17.01
C LEU C 130 -18.63 -13.41 15.84
N ALA C 131 -17.45 -13.96 16.16
CA ALA C 131 -16.54 -14.38 15.08
C ALA C 131 -17.07 -15.55 14.30
N ASP C 132 -17.71 -16.52 14.94
CA ASP C 132 -18.21 -17.68 14.19
C ASP C 132 -19.41 -17.32 13.28
N ILE C 133 -20.33 -16.49 13.76
CA ILE C 133 -21.48 -16.14 12.96
C ILE C 133 -21.06 -15.21 11.81
N SER C 134 -20.10 -14.33 12.10
CA SER C 134 -19.59 -13.47 11.07
C SER C 134 -18.89 -14.25 9.93
N ARG C 135 -18.13 -15.23 10.31
CA ARG C 135 -17.49 -16.12 9.35
C ARG C 135 -18.49 -16.92 8.55
N GLN C 136 -19.57 -17.35 9.20
CA GLN C 136 -20.63 -18.09 8.54
C GLN C 136 -21.26 -17.21 7.45
N LEU C 137 -21.55 -15.96 7.79
CA LEU C 137 -22.14 -15.04 6.83
C LEU C 137 -21.20 -14.79 5.68
N SER C 138 -19.95 -14.55 5.98
CA SER C 138 -18.95 -14.34 4.93
C SER C 138 -18.79 -15.58 3.99
N ASP C 139 -18.80 -16.77 4.57
CA ASP C 139 -18.68 -18.00 3.82
C ASP C 139 -19.91 -18.17 2.90
N GLY C 140 -21.09 -17.83 3.39
CA GLY C 140 -22.27 -17.95 2.56
C GLY C 140 -22.14 -17.10 1.31
N ILE C 141 -21.66 -15.85 1.49
CA ILE C 141 -21.56 -14.95 0.37
C ILE C 141 -20.48 -15.43 -0.60
N ALA C 142 -19.36 -15.92 -0.06
CA ALA C 142 -18.30 -16.49 -0.88
C ALA C 142 -18.82 -17.67 -1.70
N ALA C 143 -19.64 -18.51 -1.10
CA ALA C 143 -20.15 -19.70 -1.77
C ALA C 143 -21.10 -19.28 -2.88
N GLY C 144 -21.82 -18.20 -2.65
CA GLY C 144 -22.74 -17.69 -3.68
C GLY C 144 -22.00 -17.15 -4.88
N ILE C 145 -20.95 -16.37 -4.64
CA ILE C 145 -20.15 -15.87 -5.71
C ILE C 145 -19.51 -17.03 -6.47
N LYS C 146 -19.03 -18.06 -5.77
CA LYS C 146 -18.41 -19.22 -6.45
C LYS C 146 -19.47 -19.89 -7.36
N LYS C 147 -20.70 -20.05 -6.87
CA LYS C 147 -21.79 -20.59 -7.69
C LYS C 147 -21.95 -19.79 -8.99
N GLY C 148 -21.89 -18.48 -8.91
CA GLY C 148 -21.93 -17.68 -10.12
C GLY C 148 -20.71 -17.84 -11.01
N ILE C 149 -19.52 -17.89 -10.40
CA ILE C 149 -18.31 -18.15 -11.18
C ILE C 149 -18.39 -19.46 -11.91
N ASP C 150 -18.85 -20.50 -11.22
CA ASP C 150 -18.98 -21.83 -11.82
C ASP C 150 -20.00 -21.85 -12.99
N ALA C 151 -21.11 -21.13 -12.83
CA ALA C 151 -22.13 -21.07 -13.87
C ALA C 151 -21.65 -20.43 -15.16
N PHE C 152 -20.78 -19.42 -15.06
CA PHE C 152 -20.29 -18.74 -16.25
C PHE C 152 -18.89 -19.20 -16.71
N ALA C 153 -18.32 -20.22 -16.07
CA ALA C 153 -16.99 -20.67 -16.42
C ALA C 153 -17.02 -21.40 -17.73
N GLY C 154 -15.99 -21.15 -18.55
CA GLY C 154 -15.90 -21.81 -19.86
C GLY C 154 -16.82 -21.25 -20.93
N THR C 155 -17.62 -20.22 -20.58
CA THR C 155 -18.53 -19.54 -21.55
C THR C 155 -17.90 -18.20 -21.99
N LYS D 1 -3.48 -24.19 21.69
CA LYS D 1 -4.21 -23.93 20.42
C LYS D 1 -5.71 -23.71 20.66
N VAL D 2 -6.16 -23.94 21.89
CA VAL D 2 -7.58 -23.80 22.23
C VAL D 2 -7.90 -22.33 22.32
N LYS D 3 -7.11 -21.64 23.12
CA LYS D 3 -7.22 -20.21 23.26
C LYS D 3 -6.64 -19.54 22.05
N ARG D 4 -6.73 -18.23 22.06
CA ARG D 4 -5.91 -17.48 21.18
C ARG D 4 -4.45 -17.75 21.38
N ASP D 5 -3.78 -17.78 20.25
CA ASP D 5 -2.37 -17.66 20.21
C ASP D 5 -2.08 -16.19 19.93
N ILE D 6 -1.79 -15.43 20.99
CA ILE D 6 -1.45 -14.00 20.86
C ILE D 6 0.05 -13.83 20.74
N SER D 7 0.75 -14.90 20.37
CA SER D 7 2.20 -14.87 20.28
C SER D 7 2.67 -13.83 19.25
N ALA D 8 1.84 -13.54 18.25
CA ALA D 8 2.20 -12.50 17.29
C ALA D 8 2.43 -11.16 18.02
N PHE D 9 1.55 -10.83 18.97
CA PHE D 9 1.64 -9.58 19.68
C PHE D 9 2.87 -9.59 20.62
N GLN D 10 3.07 -10.70 21.32
CA GLN D 10 4.21 -10.84 22.20
C GLN D 10 5.53 -10.76 21.43
N LYS D 11 5.56 -11.29 20.21
CA LYS D 11 6.78 -11.27 19.39
C LYS D 11 7.13 -9.84 18.98
N VAL D 12 6.12 -9.06 18.67
CA VAL D 12 6.35 -7.68 18.30
C VAL D 12 6.91 -6.90 19.48
N ILE D 13 6.33 -7.09 20.66
CA ILE D 13 6.81 -6.46 21.83
C ILE D 13 8.27 -6.87 22.13
N GLN D 14 8.59 -8.16 22.02
CA GLN D 14 9.92 -8.63 22.31
C GLN D 14 10.94 -8.09 21.30
N ASP D 15 10.54 -8.04 20.02
CA ASP D 15 11.44 -7.55 18.97
C ASP D 15 11.79 -6.06 19.12
N ILE D 16 10.79 -5.29 19.54
CA ILE D 16 11.03 -3.90 19.82
C ILE D 16 11.90 -3.78 21.06
N SER D 17 11.59 -4.57 22.11
CA SER D 17 12.38 -4.52 23.33
C SER D 17 13.83 -4.86 23.09
N LEU D 18 14.09 -5.87 22.24
CA LEU D 18 15.47 -6.22 21.87
C LEU D 18 16.22 -5.06 21.20
N ALA D 19 15.52 -4.37 20.30
CA ALA D 19 16.13 -3.26 19.58
C ALA D 19 16.37 -2.10 20.53
N VAL D 20 15.39 -1.78 21.38
CA VAL D 20 15.54 -0.70 22.39
CA VAL D 20 15.64 -0.68 22.28
C VAL D 20 16.74 -0.98 23.28
N ASN D 21 16.85 -2.24 23.72
CA ASN D 21 17.81 -2.49 24.78
C ASN D 21 19.23 -2.43 24.21
N LYS D 22 19.39 -2.82 22.96
CA LYS D 22 20.71 -2.71 22.30
C LYS D 22 21.08 -1.23 22.13
N PHE D 23 20.12 -0.42 21.70
CA PHE D 23 20.35 1.02 21.62
C PHE D 23 20.75 1.59 22.98
N ASN D 24 20.00 1.23 24.01
CA ASN D 24 20.23 1.77 25.29
C ASN D 24 21.62 1.46 25.84
N VAL D 25 22.05 0.21 25.65
CA VAL D 25 23.34 -0.19 26.12
C VAL D 25 24.41 0.62 25.39
N ASP D 26 24.24 0.74 24.07
CA ASP D 26 25.22 1.48 23.29
C ASP D 26 25.23 2.95 23.63
N ILE D 27 24.08 3.54 23.90
CA ILE D 27 24.03 4.98 24.26
C ILE D 27 24.68 5.20 25.60
N GLU D 28 24.47 4.28 26.57
CA GLU D 28 25.08 4.47 27.86
C GLU D 28 26.62 4.31 27.82
N ARG D 29 27.10 3.42 26.93
CA ARG D 29 28.50 3.17 26.77
C ARG D 29 29.14 4.25 25.96
N TYR D 30 28.36 4.96 25.16
CA TYR D 30 28.91 6.06 24.32
C TYR D 30 29.41 7.20 25.20
N VAL D 31 30.62 7.65 24.94
CA VAL D 31 31.19 8.76 25.69
C VAL D 31 31.87 9.75 24.79
N GLY D 32 31.56 9.67 23.52
CA GLY D 32 32.11 10.63 22.56
C GLY D 32 32.49 10.01 21.27
N GLY D 33 32.74 10.87 20.28
CA GLY D 33 33.20 10.41 19.02
C GLY D 33 32.11 9.97 18.06
N ASP D 34 32.50 9.19 17.08
CA ASP D 34 31.57 8.80 16.04
C ASP D 34 30.33 8.09 16.63
N ALA D 35 29.16 8.49 16.18
CA ALA D 35 27.89 7.94 16.67
C ALA D 35 27.09 7.20 15.58
N SER D 36 27.76 6.78 14.49
CA SER D 36 27.07 6.06 13.43
C SER D 36 26.37 4.78 13.90
N HIS D 37 27.00 4.07 14.84
CA HIS D 37 26.45 2.85 15.37
C HIS D 37 25.15 3.08 16.15
N LEU D 38 25.04 4.26 16.76
CA LEU D 38 23.78 4.64 17.43
C LEU D 38 22.66 4.90 16.47
N LEU D 39 22.94 5.54 15.35
CA LEU D 39 21.96 5.77 14.32
C LEU D 39 21.50 4.40 13.79
N ALA D 40 22.48 3.52 13.54
CA ALA D 40 22.15 2.15 13.04
C ALA D 40 21.28 1.35 14.05
N ASP D 41 21.61 1.46 15.33
CA ASP D 41 20.69 0.89 16.38
C ASP D 41 19.28 1.50 16.27
N GLY D 42 19.18 2.83 16.08
CA GLY D 42 17.90 3.46 15.91
C GLY D 42 17.13 2.92 14.69
N ASN D 43 17.86 2.70 13.59
CA ASN D 43 17.21 2.15 12.44
C ASN D 43 16.77 0.68 12.56
N VAL D 44 17.44 -0.11 13.39
CA VAL D 44 16.92 -1.48 13.73
C VAL D 44 15.64 -1.36 14.53
N LEU D 45 15.58 -0.35 15.41
CA LEU D 45 14.38 -0.08 16.17
C LEU D 45 13.19 0.40 15.30
N ILE D 46 13.45 1.30 14.33
CA ILE D 46 12.45 1.67 13.38
C ILE D 46 11.94 0.44 12.60
N LYS D 47 12.85 -0.42 12.19
CA LYS D 47 12.42 -1.64 11.48
C LYS D 47 11.54 -2.51 12.33
N ALA D 48 11.89 -2.70 13.60
CA ALA D 48 11.07 -3.53 14.48
C ALA D 48 9.67 -2.96 14.62
N THR D 49 9.59 -1.63 14.68
CA THR D 49 8.35 -0.92 14.89
C THR D 49 7.47 -1.09 13.62
N LEU D 50 8.06 -0.85 12.47
CA LEU D 50 7.30 -1.03 11.20
C LEU D 50 6.96 -2.51 10.92
N ASP D 51 7.87 -3.42 11.31
CA ASP D 51 7.53 -4.86 11.23
C ASP D 51 6.30 -5.17 12.04
N GLY D 52 6.16 -4.52 13.19
CA GLY D 52 5.02 -4.72 14.03
C GLY D 52 3.74 -4.35 13.35
N VAL D 53 3.75 -3.20 12.70
CA VAL D 53 2.57 -2.72 12.02
C VAL D 53 2.12 -3.77 10.98
N GLN D 54 3.09 -4.31 10.25
CA GLN D 54 2.76 -5.27 9.20
C GLN D 54 2.36 -6.62 9.74
N SER D 55 3.03 -7.08 10.80
CA SER D 55 2.76 -8.39 11.38
C SER D 55 1.36 -8.47 11.97
N LEU D 56 0.87 -7.36 12.51
CA LEU D 56 -0.36 -7.37 13.30
C LEU D 56 -1.55 -6.84 12.49
N GLN D 57 -1.31 -6.34 11.29
CA GLN D 57 -2.38 -5.69 10.51
C GLN D 57 -3.65 -6.55 10.42
N ASN D 58 -3.49 -7.84 10.10
CA ASN D 58 -4.64 -8.68 9.84
C ASN D 58 -5.10 -9.51 11.03
N GLU D 59 -4.56 -9.23 12.23
CA GLU D 59 -5.03 -9.91 13.42
C GLU D 59 -6.48 -9.51 13.80
N PRO D 60 -7.26 -10.48 14.34
CA PRO D 60 -8.54 -10.11 14.92
C PRO D 60 -8.35 -9.29 16.18
N PRO D 61 -9.39 -8.59 16.60
CA PRO D 61 -9.26 -7.74 17.81
C PRO D 61 -8.87 -8.58 18.97
N LEU D 62 -8.21 -7.95 19.93
CA LEU D 62 -7.98 -8.54 21.23
C LEU D 62 -9.20 -8.52 22.14
N SER D 63 -9.48 -9.62 22.80
CA SER D 63 -10.47 -9.64 23.88
C SER D 63 -9.96 -8.82 25.05
N SER D 64 -10.84 -8.51 25.98
CA SER D 64 -10.41 -7.86 27.22
C SER D 64 -9.31 -8.68 27.92
N MET D 65 -9.51 -9.97 28.03
CA MET D 65 -8.57 -10.87 28.71
CA MET D 65 -8.54 -10.85 28.71
C MET D 65 -7.22 -10.88 27.97
N GLU D 66 -7.25 -10.94 26.65
CA GLU D 66 -6.03 -10.95 25.87
C GLU D 66 -5.27 -9.66 25.97
N ALA D 67 -5.98 -8.54 25.92
CA ALA D 67 -5.36 -7.24 26.03
C ALA D 67 -4.84 -6.99 27.43
N LEU D 68 -5.57 -7.48 28.43
CA LEU D 68 -5.10 -7.33 29.80
C LEU D 68 -3.81 -8.00 29.99
N ALA D 69 -3.62 -9.13 29.35
CA ALA D 69 -2.38 -9.91 29.52
C ALA D 69 -1.18 -9.19 28.90
N LEU D 70 -1.42 -8.23 28.03
CA LEU D 70 -0.34 -7.50 27.36
C LEU D 70 -0.03 -6.17 28.04
N VAL D 71 -0.81 -5.79 29.05
CA VAL D 71 -0.60 -4.54 29.74
C VAL D 71 0.77 -4.51 30.42
N GLY D 72 1.16 -5.62 31.02
CA GLY D 72 2.45 -5.71 31.72
C GLY D 72 3.62 -5.53 30.77
N PRO D 73 3.71 -6.39 29.74
CA PRO D 73 4.77 -6.27 28.72
C PRO D 73 4.80 -4.88 28.01
N VAL D 74 3.66 -4.26 27.80
CA VAL D 74 3.59 -2.93 27.19
C VAL D 74 4.06 -1.81 28.14
N GLN D 75 3.68 -1.90 29.43
CA GLN D 75 4.23 -0.96 30.40
C GLN D 75 5.75 -1.10 30.56
N ASP D 76 6.25 -2.32 30.53
CA ASP D 76 7.70 -2.59 30.63
C ASP D 76 8.40 -1.99 29.42
N LEU D 77 7.82 -2.19 28.25
CA LEU D 77 8.39 -1.60 27.03
C LEU D 77 8.37 -0.05 27.07
N SER D 78 7.26 0.56 27.51
CA SER D 78 7.23 2.00 27.71
C SER D 78 8.37 2.44 28.59
N ASN D 79 8.48 1.80 29.77
CA ASN D 79 9.55 2.15 30.70
C ASN D 79 10.94 2.11 30.02
N GLN D 80 11.17 1.09 29.21
CA GLN D 80 12.43 0.91 28.58
C GLN D 80 12.69 2.00 27.50
N ILE D 81 11.65 2.34 26.73
CA ILE D 81 11.77 3.38 25.69
C ILE D 81 12.05 4.74 26.35
N LEU D 82 11.30 5.06 27.41
CA LEU D 82 11.46 6.37 28.04
C LEU D 82 12.83 6.52 28.67
N LEU D 83 13.34 5.43 29.21
CA LEU D 83 14.70 5.42 29.78
C LEU D 83 15.74 5.63 28.70
N ALA D 84 15.58 4.92 27.59
CA ALA D 84 16.54 5.08 26.48
C ALA D 84 16.61 6.49 25.94
N ILE D 85 15.45 7.12 25.81
CA ILE D 85 15.38 8.51 25.41
C ILE D 85 16.09 9.43 26.39
N GLN D 86 15.89 9.25 27.67
CA GLN D 86 16.59 10.02 28.66
C GLN D 86 18.12 9.82 28.57
N ASN D 87 18.55 8.57 28.37
CA ASN D 87 19.98 8.31 28.30
C ASN D 87 20.58 8.93 27.03
N LEU D 88 19.79 9.02 25.95
CA LEU D 88 20.20 9.73 24.75
C LEU D 88 20.36 11.24 25.02
N ILE D 89 19.32 11.86 25.58
CA ILE D 89 19.36 13.25 25.92
C ILE D 89 20.58 13.54 26.84
N ASP D 90 20.89 12.63 27.75
CA ASP D 90 22.00 12.81 28.65
C ASP D 90 23.34 12.95 27.89
N LYS D 91 23.43 12.38 26.70
CA LYS D 91 24.64 12.40 25.88
C LYS D 91 24.64 13.48 24.81
N LYS D 92 23.73 14.42 24.93
CA LYS D 92 23.63 15.49 23.95
C LYS D 92 24.99 16.18 23.69
N GLU D 93 25.72 16.54 24.75
CA GLU D 93 27.02 17.24 24.52
C GLU D 93 28.01 16.50 23.64
N PRO D 94 28.39 15.23 23.99
CA PRO D 94 29.30 14.56 23.10
C PRO D 94 28.72 14.34 21.71
N LEU D 95 27.42 14.08 21.61
CA LEU D 95 26.80 13.84 20.29
C LEU D 95 26.87 15.07 19.43
N VAL D 96 26.50 16.21 19.99
CA VAL D 96 26.54 17.47 19.23
C VAL D 96 27.98 17.86 18.85
N GLN D 97 28.91 17.71 19.77
CA GLN D 97 30.29 18.05 19.48
C GLN D 97 30.87 17.18 18.35
N ALA D 98 30.42 15.93 18.28
CA ALA D 98 30.89 14.99 17.26
C ALA D 98 30.25 15.24 15.88
N GLY D 99 29.30 16.18 15.81
CA GLY D 99 28.60 16.53 14.56
C GLY D 99 27.38 15.69 14.24
N PHE D 100 26.83 15.03 15.26
CA PHE D 100 25.71 14.09 15.07
C PHE D 100 24.35 14.58 15.58
N GLY D 101 24.25 15.82 16.03
CA GLY D 101 22.99 16.32 16.57
C GLY D 101 21.88 16.32 15.54
N GLY D 102 22.14 16.85 14.35
CA GLY D 102 21.10 16.82 13.35
C GLY D 102 20.69 15.33 13.11
N LYS D 103 21.66 14.45 13.03
CA LYS D 103 21.39 13.14 12.51
C LYS D 103 20.58 12.39 13.51
N VAL D 104 20.86 12.66 14.73
CA VAL D 104 20.03 12.10 15.80
C VAL D 104 18.62 12.68 15.74
N GLU D 105 18.51 13.99 15.51
CA GLU D 105 17.21 14.64 15.35
C GLU D 105 16.40 13.90 14.25
N ASN D 106 17.06 13.63 13.14
CA ASN D 106 16.37 13.06 11.96
C ASN D 106 15.96 11.64 12.23
N ASN D 107 16.79 10.90 12.94
CA ASN D 107 16.44 9.57 13.37
C ASN D 107 15.24 9.58 14.31
N LEU D 108 15.25 10.47 15.28
CA LEU D 108 14.10 10.63 16.18
C LEU D 108 12.78 11.00 15.44
N ARG D 109 12.85 11.83 14.42
CA ARG D 109 11.68 12.16 13.64
C ARG D 109 11.13 10.93 12.93
N GLN D 110 12.01 10.05 12.49
CA GLN D 110 11.59 8.77 11.88
C GLN D 110 11.05 7.81 12.94
N GLN D 111 11.64 7.80 14.12
CA GLN D 111 11.07 7.01 15.22
C GLN D 111 9.66 7.46 15.54
N GLU D 112 9.45 8.77 15.59
CA GLU D 112 8.13 9.35 15.86
C GLU D 112 7.09 8.89 14.83
N GLU D 113 7.46 8.98 13.56
CA GLU D 113 6.57 8.59 12.50
C GLU D 113 6.18 7.10 12.60
N ALA D 114 7.16 6.24 12.88
CA ALA D 114 6.93 4.82 12.99
C ALA D 114 6.13 4.47 14.22
N ALA D 115 6.45 5.11 15.34
CA ALA D 115 5.66 4.92 16.55
C ALA D 115 4.21 5.36 16.33
N GLN D 116 3.98 6.44 15.58
CA GLN D 116 2.59 6.88 15.31
C GLN D 116 1.82 5.82 14.53
N LYS D 117 2.48 5.22 13.56
CA LYS D 117 1.83 4.17 12.76
C LYS D 117 1.49 2.95 13.61
N LEU D 118 2.38 2.57 14.50
CA LEU D 118 2.14 1.44 15.34
C LEU D 118 1.03 1.75 16.36
N SER D 119 1.05 2.97 16.92
CA SER D 119 0.02 3.32 17.89
C SER D 119 -1.32 3.24 17.23
N GLU D 120 -1.41 3.78 16.01
CA GLU D 120 -2.65 3.76 15.28
C GLU D 120 -3.10 2.32 15.13
N LEU D 121 -2.19 1.43 14.72
CA LEU D 121 -2.51 -0.02 14.54
C LEU D 121 -3.05 -0.61 15.83
N VAL D 122 -2.34 -0.34 16.93
CA VAL D 122 -2.74 -0.86 18.24
C VAL D 122 -4.17 -0.41 18.57
N SER D 123 -4.51 0.82 18.25
CA SER D 123 -5.88 1.32 18.55
C SER D 123 -6.99 0.54 17.83
N THR D 124 -6.62 -0.11 16.71
CA THR D 124 -7.55 -0.92 15.96
C THR D 124 -7.66 -2.36 16.49
N LYS D 125 -6.90 -2.68 17.52
CA LYS D 125 -6.91 -4.04 18.10
C LYS D 125 -7.39 -4.12 19.53
N VAL D 126 -7.32 -3.01 20.24
CA VAL D 126 -7.68 -2.97 21.64
CA VAL D 126 -7.72 -3.02 21.65
C VAL D 126 -9.20 -2.83 21.82
N PRO D 127 -9.80 -3.59 22.75
CA PRO D 127 -11.21 -3.44 22.98
C PRO D 127 -11.47 -2.19 23.82
N HIS D 128 -12.71 -1.68 23.77
CA HIS D 128 -13.00 -0.39 24.34
C HIS D 128 -12.65 -0.30 25.84
N GLU D 129 -12.79 -1.40 26.55
CA GLU D 129 -12.49 -1.43 27.97
C GLU D 129 -11.04 -1.17 28.28
N LEU D 130 -10.14 -1.24 27.30
CA LEU D 130 -8.75 -0.89 27.51
CA LEU D 130 -8.74 -0.86 27.53
C LEU D 130 -8.28 0.25 26.60
N ALA D 131 -9.25 0.91 25.96
CA ALA D 131 -8.87 1.96 24.97
C ALA D 131 -8.28 3.17 25.65
N ASP D 132 -8.79 3.58 26.80
CA ASP D 132 -8.22 4.76 27.47
C ASP D 132 -6.78 4.51 28.03
N ILE D 133 -6.56 3.36 28.64
CA ILE D 133 -5.25 3.07 29.18
C ILE D 133 -4.22 2.82 28.08
N SER D 134 -4.67 2.20 27.00
CA SER D 134 -3.80 2.02 25.85
C SER D 134 -3.39 3.37 25.20
N ARG D 135 -4.35 4.26 25.05
CA ARG D 135 -4.05 5.60 24.58
C ARG D 135 -3.12 6.36 25.49
N GLN D 136 -3.28 6.21 26.81
CA GLN D 136 -2.43 6.87 27.77
C GLN D 136 -0.97 6.36 27.61
N LEU D 137 -0.80 5.06 27.43
CA LEU D 137 0.54 4.49 27.24
C LEU D 137 1.15 4.99 25.95
N SER D 138 0.36 4.97 24.89
CA SER D 138 0.83 5.50 23.62
C SER D 138 1.22 7.01 23.68
N ASP D 139 0.41 7.82 24.35
CA ASP D 139 0.69 9.23 24.51
C ASP D 139 2.00 9.44 25.29
N GLY D 140 2.23 8.62 26.32
CA GLY D 140 3.44 8.77 27.09
C GLY D 140 4.68 8.54 26.24
N ILE D 141 4.61 7.53 25.37
CA ILE D 141 5.74 7.24 24.51
C ILE D 141 5.93 8.34 23.47
N ALA D 142 4.83 8.84 22.94
CA ALA D 142 4.91 9.94 21.99
C ALA D 142 5.54 11.20 22.64
N ALA D 143 5.16 11.49 23.87
CA ALA D 143 5.66 12.65 24.57
C ALA D 143 7.15 12.50 24.86
N GLY D 144 7.57 11.27 25.08
CA GLY D 144 9.00 11.00 25.28
C GLY D 144 9.82 11.22 24.03
N ILE D 145 9.33 10.70 22.91
CA ILE D 145 10.00 10.92 21.67
C ILE D 145 10.05 12.42 21.36
N LYS D 146 8.97 13.16 21.61
CA LYS D 146 8.96 14.61 21.33
C LYS D 146 10.02 15.30 22.20
N LYS D 147 10.12 14.92 23.47
CA LYS D 147 11.20 15.44 24.34
C LYS D 147 12.59 15.25 23.67
N GLY D 148 12.84 14.08 23.11
CA GLY D 148 14.08 13.86 22.43
C GLY D 148 14.25 14.68 21.16
N ILE D 149 13.17 14.79 20.39
CA ILE D 149 13.19 15.66 19.20
C ILE D 149 13.49 17.11 19.58
N ASP D 150 12.84 17.60 20.64
CA ASP D 150 13.07 18.97 21.10
C ASP D 150 14.52 19.19 21.58
N ALA D 151 15.10 18.19 22.24
CA ALA D 151 16.46 18.31 22.75
C ALA D 151 17.49 18.44 21.66
N PHE D 152 17.26 17.77 20.53
CA PHE D 152 18.23 17.76 19.44
C PHE D 152 17.85 18.70 18.28
N ALA D 153 16.76 19.45 18.43
CA ALA D 153 16.31 20.35 17.38
C ALA D 153 17.25 21.53 17.27
N GLY D 154 17.53 21.94 16.02
CA GLY D 154 18.41 23.07 15.78
C GLY D 154 19.90 22.79 15.98
N THR D 155 20.26 21.54 16.34
CA THR D 155 21.66 21.11 16.49
C THR D 155 22.11 20.32 15.25
#